data_8CB8
#
_entry.id   8CB8
#
_cell.length_a   47.952
_cell.length_b   86.133
_cell.length_c   115.217
_cell.angle_alpha   90.000
_cell.angle_beta   90.000
_cell.angle_gamma   90.000
#
_symmetry.space_group_name_H-M   'P 21 21 21'
#
loop_
_entity.id
_entity.type
_entity.pdbx_description
1 polymer 'Listeriolysin regulatory protein'
2 polymer Ser-THR-LEU-LEU
3 non-polymer 'PHOSPHATE ION'
4 non-polymer 'SODIUM ION'
5 water water
#
loop_
_entity_poly.entity_id
_entity_poly.type
_entity_poly.pdbx_seq_one_letter_code
_entity_poly.pdbx_strand_id
1 'polypeptide(L)'
;GAMNAQAEEFKKYLETNGIKPKQFHKKELIFNQWDPQEYCIFLYDGITKLTSISENGTIMNLQYYKGAFVIMSGFIDTET
SVGYYNLEVISEQATAYVIKINELKELLSKNLTHFFYVFQTLQKQVSYSLAKFNDFSINGKLGSICGQLLILTYVYGKET
PDGIKITLDNLTMQELGYSSGIAHSSAVSRIISKLKQEKVIVYKNSCFYVQNLDYLKRYAPKLDEWFYLACPATWGKLN
;
A,B
2 'polypeptide(L)' STLL D,C
#
# COMPACT_ATOMS: atom_id res chain seq x y z
N ASN A 4 -5.78 0.01 -23.55
CA ASN A 4 -5.12 1.03 -22.75
C ASN A 4 -3.93 1.61 -23.52
N ALA A 5 -3.73 2.92 -23.41
CA ALA A 5 -2.75 3.63 -24.21
C ALA A 5 -1.42 3.84 -23.51
N GLN A 6 -1.44 4.36 -22.28
CA GLN A 6 -0.19 4.61 -21.57
C GLN A 6 0.55 3.32 -21.27
N ALA A 7 -0.19 2.20 -21.15
CA ALA A 7 0.45 0.91 -20.95
C ALA A 7 0.95 0.31 -22.26
N GLU A 8 0.30 0.61 -23.37
CA GLU A 8 0.75 0.11 -24.66
C GLU A 8 2.10 0.73 -25.04
N GLU A 9 2.32 1.99 -24.68
CA GLU A 9 3.60 2.62 -24.96
C GLU A 9 4.71 1.96 -24.16
N PHE A 10 4.44 1.62 -22.89
CA PHE A 10 5.44 0.91 -22.11
C PHE A 10 5.78 -0.43 -22.73
N LYS A 11 4.78 -1.12 -23.28
CA LYS A 11 5.04 -2.39 -23.95
C LYS A 11 6.01 -2.21 -25.12
N LYS A 12 5.75 -1.21 -25.96
CA LYS A 12 6.62 -0.97 -27.11
C LYS A 12 7.95 -0.37 -26.72
N TYR A 13 8.06 0.18 -25.50
CA TYR A 13 9.37 0.57 -24.98
C TYR A 13 10.18 -0.66 -24.58
N LEU A 14 9.52 -1.65 -23.97
CA LEU A 14 10.21 -2.88 -23.59
C LEU A 14 10.69 -3.63 -24.83
N GLU A 15 9.81 -3.80 -25.81
CA GLU A 15 10.18 -4.51 -27.03
C GLU A 15 11.24 -3.75 -27.82
N THR A 16 11.15 -2.41 -27.82
CA THR A 16 12.17 -1.61 -28.48
C THR A 16 13.55 -1.86 -27.89
N ASN A 17 13.63 -2.32 -26.64
CA ASN A 17 14.89 -2.63 -25.99
C ASN A 17 15.17 -4.12 -25.91
N GLY A 18 14.35 -4.95 -26.56
CA GLY A 18 14.65 -6.36 -26.75
C GLY A 18 13.87 -7.32 -25.88
N ILE A 19 13.09 -6.85 -24.92
CA ILE A 19 12.40 -7.75 -24.00
C ILE A 19 11.16 -8.32 -24.68
N LYS A 20 11.02 -9.63 -24.66
CA LYS A 20 9.94 -10.35 -25.31
C LYS A 20 8.92 -10.84 -24.30
N PRO A 21 7.68 -11.04 -24.71
CA PRO A 21 6.66 -11.54 -23.77
C PRO A 21 6.77 -13.04 -23.55
N LYS A 22 6.33 -13.47 -22.37
CA LYS A 22 6.22 -14.88 -22.04
C LYS A 22 4.78 -15.18 -21.64
N GLN A 23 4.30 -16.36 -22.01
CA GLN A 23 2.95 -16.79 -21.70
C GLN A 23 2.97 -17.72 -20.50
N PHE A 24 2.06 -17.50 -19.56
CA PHE A 24 1.91 -18.34 -18.38
C PHE A 24 0.47 -18.84 -18.33
N HIS A 25 0.25 -19.83 -17.47
CA HIS A 25 -1.04 -20.50 -17.38
C HIS A 25 -1.41 -20.67 -15.91
N LYS A 26 -2.69 -20.97 -15.69
CA LYS A 26 -3.23 -21.08 -14.34
C LYS A 26 -2.33 -21.95 -13.46
N LYS A 27 -2.16 -21.51 -12.22
CA LYS A 27 -1.41 -22.15 -11.15
C LYS A 27 0.09 -21.93 -11.27
N GLU A 28 0.59 -21.43 -12.40
CA GLU A 28 2.01 -21.15 -12.54
C GLU A 28 2.39 -19.86 -11.82
N LEU A 29 3.63 -19.80 -11.35
CA LEU A 29 4.16 -18.65 -10.65
C LEU A 29 5.11 -17.90 -11.58
N ILE A 30 4.83 -16.61 -11.81
CA ILE A 30 5.72 -15.79 -12.62
C ILE A 30 6.99 -15.47 -11.87
N PHE A 31 6.88 -15.17 -10.57
CA PHE A 31 8.03 -15.17 -9.68
C PHE A 31 7.61 -15.85 -8.39
N ASN A 32 8.60 -16.32 -7.63
CA ASN A 32 8.36 -17.08 -6.42
C ASN A 32 9.18 -16.51 -5.28
N GLN A 33 8.76 -16.84 -4.05
CA GLN A 33 9.36 -16.27 -2.85
C GLN A 33 10.74 -16.80 -2.53
N TRP A 34 11.18 -17.88 -3.18
CA TRP A 34 12.47 -18.51 -2.87
C TRP A 34 13.57 -18.13 -3.84
N ASP A 35 13.25 -17.45 -4.93
CA ASP A 35 14.27 -17.07 -5.90
C ASP A 35 15.10 -15.92 -5.36
N PRO A 36 16.44 -16.02 -5.38
CA PRO A 36 17.26 -14.87 -4.96
C PRO A 36 17.25 -13.72 -5.95
N GLN A 37 16.90 -13.97 -7.20
CA GLN A 37 16.81 -12.93 -8.21
C GLN A 37 15.42 -12.31 -8.18
N GLU A 38 15.36 -10.98 -8.15
CA GLU A 38 14.11 -10.24 -8.15
C GLU A 38 13.86 -9.63 -9.53
N TYR A 39 12.60 -9.39 -9.84
CA TYR A 39 12.19 -9.02 -11.18
C TYR A 39 11.18 -7.88 -11.14
N CYS A 40 11.05 -7.21 -12.28
CA CYS A 40 9.94 -6.32 -12.56
C CYS A 40 9.03 -7.01 -13.56
N ILE A 41 7.78 -7.26 -13.17
CA ILE A 41 6.82 -7.95 -14.01
C ILE A 41 5.86 -6.92 -14.58
N PHE A 42 5.91 -6.75 -15.90
CA PHE A 42 4.88 -5.97 -16.61
C PHE A 42 3.82 -6.95 -17.06
N LEU A 43 2.80 -7.12 -16.22
CA LEU A 43 1.67 -7.97 -16.55
C LEU A 43 0.85 -7.28 -17.63
N TYR A 44 0.87 -7.83 -18.84
CA TYR A 44 0.20 -7.21 -19.98
C TYR A 44 -1.24 -7.68 -20.14
N ASP A 45 -1.49 -8.97 -19.97
CA ASP A 45 -2.82 -9.53 -20.12
C ASP A 45 -2.98 -10.71 -19.18
N GLY A 46 -4.15 -10.80 -18.55
CA GLY A 46 -4.46 -11.86 -17.62
C GLY A 46 -4.62 -11.33 -16.21
N ILE A 47 -4.94 -12.25 -15.30
CA ILE A 47 -5.22 -11.95 -13.91
C ILE A 47 -4.28 -12.77 -13.04
N THR A 48 -3.60 -12.10 -12.11
CA THR A 48 -2.65 -12.73 -11.21
C THR A 48 -3.05 -12.41 -9.77
N LYS A 49 -2.42 -13.11 -8.83
CA LYS A 49 -2.63 -12.87 -7.41
C LYS A 49 -1.31 -13.01 -6.67
N LEU A 50 -1.07 -12.10 -5.74
CA LEU A 50 0.11 -12.14 -4.88
C LEU A 50 -0.21 -12.99 -3.65
N THR A 51 0.65 -13.97 -3.36
CA THR A 51 0.41 -14.93 -2.30
C THR A 51 1.64 -15.05 -1.41
N SER A 52 1.40 -15.47 -0.18
CA SER A 52 2.46 -15.72 0.79
C SER A 52 2.06 -16.90 1.66
N ILE A 53 3.07 -17.63 2.13
CA ILE A 53 2.87 -18.80 2.98
C ILE A 53 3.26 -18.42 4.40
N SER A 54 2.34 -18.64 5.35
CA SER A 54 2.59 -18.32 6.75
C SER A 54 3.52 -19.38 7.35
N GLU A 55 3.66 -19.37 8.68
CA GLU A 55 4.66 -20.21 9.32
C GLU A 55 4.34 -21.70 9.16
N ASN A 56 3.06 -22.07 9.12
CA ASN A 56 2.68 -23.47 9.10
C ASN A 56 2.47 -24.02 7.70
N GLY A 57 1.94 -23.20 6.78
CA GLY A 57 1.71 -23.67 5.42
C GLY A 57 0.45 -23.11 4.80
N THR A 58 -0.27 -22.26 5.53
CA THR A 58 -1.50 -21.68 5.00
C THR A 58 -1.17 -20.65 3.93
N ILE A 59 -1.80 -20.79 2.76
CA ILE A 59 -1.58 -19.88 1.65
C ILE A 59 -2.56 -18.72 1.80
N MET A 60 -2.02 -17.53 2.09
CA MET A 60 -2.81 -16.32 2.26
C MET A 60 -2.73 -15.48 1.00
N ASN A 61 -3.89 -15.05 0.50
CA ASN A 61 -3.97 -14.24 -0.71
C ASN A 61 -3.87 -12.77 -0.32
N LEU A 62 -2.88 -12.07 -0.89
CA LEU A 62 -2.58 -10.71 -0.49
C LEU A 62 -3.18 -9.66 -1.43
N GLN A 63 -3.11 -9.87 -2.74
CA GLN A 63 -3.61 -8.87 -3.68
C GLN A 63 -3.76 -9.50 -5.05
N TYR A 64 -4.69 -8.94 -5.82
CA TYR A 64 -4.96 -9.39 -7.19
C TYR A 64 -4.60 -8.29 -8.17
N TYR A 65 -4.05 -8.69 -9.31
CA TYR A 65 -3.68 -7.76 -10.38
C TYR A 65 -4.22 -8.27 -11.70
N LYS A 66 -4.66 -7.35 -12.55
CA LYS A 66 -5.03 -7.64 -13.92
C LYS A 66 -4.23 -6.74 -14.84
N GLY A 67 -3.80 -7.27 -15.98
CA GLY A 67 -3.05 -6.47 -16.93
C GLY A 67 -3.92 -5.40 -17.57
N ALA A 68 -3.31 -4.26 -17.90
CA ALA A 68 -1.89 -4.01 -17.75
C ALA A 68 -1.56 -3.50 -16.34
N PHE A 69 -0.45 -3.99 -15.79
CA PHE A 69 0.02 -3.53 -14.49
C PHE A 69 1.49 -3.89 -14.33
N VAL A 70 2.10 -3.35 -13.28
CA VAL A 70 3.51 -3.55 -12.98
C VAL A 70 3.63 -4.05 -11.56
N ILE A 71 4.23 -5.22 -11.37
CA ILE A 71 4.46 -5.80 -10.06
C ILE A 71 5.95 -6.01 -9.89
N MET A 72 6.54 -5.39 -8.87
CA MET A 72 7.94 -5.53 -8.55
C MET A 72 8.10 -6.51 -7.39
N SER A 73 9.02 -7.46 -7.53
CA SER A 73 9.38 -8.37 -6.46
C SER A 73 10.61 -7.90 -5.68
N GLY A 74 11.32 -6.89 -6.18
CA GLY A 74 12.49 -6.39 -5.49
C GLY A 74 12.50 -4.86 -5.51
N PHE A 75 13.25 -4.30 -4.56
CA PHE A 75 13.40 -2.86 -4.49
C PHE A 75 14.25 -2.36 -5.66
N ILE A 76 13.84 -1.24 -6.23
CA ILE A 76 14.51 -0.72 -7.42
C ILE A 76 15.97 -0.41 -7.13
N ASP A 77 16.29 0.04 -5.91
CA ASP A 77 17.65 0.45 -5.59
C ASP A 77 18.48 -0.72 -5.07
N THR A 78 18.01 -1.39 -4.03
CA THR A 78 18.78 -2.47 -3.42
C THR A 78 18.71 -3.77 -4.22
N GLU A 79 17.70 -3.94 -5.06
CA GLU A 79 17.45 -5.14 -5.84
C GLU A 79 17.12 -6.35 -4.96
N THR A 80 16.84 -6.13 -3.68
CA THR A 80 16.50 -7.20 -2.75
C THR A 80 14.98 -7.29 -2.60
N SER A 81 14.52 -8.42 -2.06
CA SER A 81 13.10 -8.71 -2.01
C SER A 81 12.35 -7.67 -1.19
N VAL A 82 11.15 -7.32 -1.66
CA VAL A 82 10.24 -6.48 -0.89
C VAL A 82 9.34 -7.31 0.01
N GLY A 83 9.46 -8.63 -0.04
CA GLY A 83 8.60 -9.53 0.70
C GLY A 83 8.60 -10.91 0.08
N TYR A 84 8.49 -11.94 0.91
CA TYR A 84 8.51 -13.32 0.41
C TYR A 84 7.15 -13.62 -0.21
N TYR A 85 7.02 -13.27 -1.48
CA TYR A 85 5.75 -13.33 -2.20
C TYR A 85 5.92 -14.13 -3.48
N ASN A 86 4.82 -14.73 -3.93
CA ASN A 86 4.73 -15.38 -5.23
C ASN A 86 3.63 -14.70 -6.04
N LEU A 87 3.85 -14.61 -7.35
CA LEU A 87 2.86 -14.07 -8.28
C LEU A 87 2.27 -15.24 -9.07
N GLU A 88 1.06 -15.65 -8.70
CA GLU A 88 0.41 -16.81 -9.30
C GLU A 88 -0.63 -16.37 -10.33
N VAL A 89 -0.64 -17.05 -11.46
CA VAL A 89 -1.66 -16.82 -12.49
C VAL A 89 -2.94 -17.50 -12.08
N ILE A 90 -4.06 -16.78 -12.16
CA ILE A 90 -5.37 -17.34 -11.85
C ILE A 90 -6.33 -17.29 -13.03
N SER A 91 -6.01 -16.56 -14.08
CA SER A 91 -6.70 -16.73 -15.35
C SER A 91 -6.12 -17.92 -16.10
N GLU A 92 -6.85 -18.41 -17.09
CA GLU A 92 -6.40 -19.60 -17.80
C GLU A 92 -5.06 -19.36 -18.50
N GLN A 93 -4.81 -18.14 -18.97
CA GLN A 93 -3.53 -17.77 -19.54
C GLN A 93 -3.21 -16.33 -19.15
N ALA A 94 -1.93 -15.99 -19.22
CA ALA A 94 -1.48 -14.64 -18.91
C ALA A 94 -0.22 -14.34 -19.71
N THR A 95 -0.09 -13.09 -20.15
CA THR A 95 1.07 -12.60 -20.87
C THR A 95 1.79 -11.57 -20.02
N ALA A 96 3.10 -11.74 -19.85
CA ALA A 96 3.87 -10.87 -18.98
C ALA A 96 5.28 -10.70 -19.52
N TYR A 97 5.83 -9.52 -19.32
CA TYR A 97 7.22 -9.22 -19.61
C TYR A 97 8.00 -9.25 -18.30
N VAL A 98 9.10 -10.01 -18.27
CA VAL A 98 9.87 -10.26 -17.07
C VAL A 98 11.24 -9.62 -17.25
N ILE A 99 11.49 -8.55 -16.50
CA ILE A 99 12.75 -7.82 -16.55
C ILE A 99 13.43 -7.96 -15.19
N LYS A 100 14.71 -8.33 -15.21
CA LYS A 100 15.50 -8.32 -13.98
C LYS A 100 15.53 -6.91 -13.41
N ILE A 101 15.28 -6.80 -12.10
CA ILE A 101 15.40 -5.50 -11.43
C ILE A 101 16.75 -4.89 -11.74
N ASN A 102 17.77 -5.73 -11.90
CA ASN A 102 19.08 -5.30 -12.39
C ASN A 102 18.99 -4.32 -13.54
N GLU A 103 18.19 -4.67 -14.55
CA GLU A 103 18.18 -3.93 -15.81
C GLU A 103 17.09 -2.87 -15.88
N LEU A 104 15.99 -3.04 -15.16
CA LEU A 104 14.91 -2.05 -15.23
C LEU A 104 15.41 -0.68 -14.83
N LYS A 105 16.18 -0.59 -13.74
CA LYS A 105 16.67 0.70 -13.28
C LYS A 105 17.39 1.46 -14.38
N GLU A 106 18.12 0.74 -15.23
CA GLU A 106 18.84 1.41 -16.32
C GLU A 106 17.90 1.85 -17.43
N LEU A 107 16.77 1.15 -17.61
CA LEU A 107 15.88 1.49 -18.70
C LEU A 107 14.98 2.67 -18.36
N LEU A 108 14.49 2.73 -17.11
CA LEU A 108 13.68 3.87 -16.71
C LEU A 108 14.50 5.13 -16.52
N SER A 109 15.83 5.05 -16.60
CA SER A 109 16.66 6.25 -16.55
C SER A 109 16.77 6.90 -17.93
N LYS A 110 16.83 6.09 -18.98
CA LYS A 110 16.89 6.60 -20.35
C LYS A 110 15.57 7.19 -20.82
N ASN A 111 14.55 7.23 -19.96
CA ASN A 111 13.25 7.76 -20.34
C ASN A 111 12.53 8.20 -19.08
N LEU A 112 11.55 9.10 -19.26
CA LEU A 112 10.78 9.65 -18.16
C LEU A 112 9.29 9.37 -18.26
N THR A 113 8.72 9.43 -19.47
CA THR A 113 7.31 9.09 -19.63
C THR A 113 7.02 7.68 -19.14
N HIS A 114 8.00 6.78 -19.25
CA HIS A 114 7.81 5.39 -18.84
C HIS A 114 8.20 5.15 -17.40
N PHE A 115 9.17 5.91 -16.87
CA PHE A 115 9.36 5.95 -15.43
C PHE A 115 8.09 6.43 -14.75
N PHE A 116 7.56 7.57 -15.20
CA PHE A 116 6.31 8.08 -14.64
C PHE A 116 5.23 7.02 -14.67
N TYR A 117 5.17 6.22 -15.74
CA TYR A 117 4.15 5.17 -15.81
C TYR A 117 4.32 4.17 -14.67
N VAL A 118 5.52 3.59 -14.53
CA VAL A 118 5.74 2.64 -13.45
C VAL A 118 5.59 3.33 -12.10
N PHE A 119 5.99 4.60 -12.01
CA PHE A 119 5.93 5.32 -10.74
C PHE A 119 4.50 5.52 -10.28
N GLN A 120 3.58 5.87 -11.19
CA GLN A 120 2.20 6.10 -10.79
C GLN A 120 1.46 4.81 -10.48
N THR A 121 1.88 3.68 -11.05
CA THR A 121 1.28 2.41 -10.65
C THR A 121 1.56 2.12 -9.18
N LEU A 122 2.77 2.39 -8.72
CA LEU A 122 3.07 2.31 -7.29
C LEU A 122 2.14 3.22 -6.51
N GLN A 123 1.98 4.47 -6.97
CA GLN A 123 1.09 5.40 -6.28
C GLN A 123 -0.32 4.85 -6.20
N LYS A 124 -0.82 4.28 -7.31
CA LYS A 124 -2.15 3.68 -7.29
C LYS A 124 -2.23 2.53 -6.30
N GLN A 125 -1.15 1.76 -6.18
CA GLN A 125 -1.10 0.70 -5.17
C GLN A 125 -1.14 1.30 -3.76
N VAL A 126 -0.32 2.32 -3.53
CA VAL A 126 -0.26 2.93 -2.20
C VAL A 126 -1.63 3.44 -1.78
N SER A 127 -2.27 4.23 -2.65
CA SER A 127 -3.56 4.82 -2.29
C SER A 127 -4.64 3.74 -2.22
N TYR A 128 -4.57 2.74 -3.09
CA TYR A 128 -5.51 1.63 -3.04
C TYR A 128 -5.52 0.99 -1.66
N SER A 129 -4.34 0.68 -1.12
CA SER A 129 -4.26 0.00 0.16
C SER A 129 -4.76 0.89 1.29
N LEU A 130 -4.48 2.18 1.22
CA LEU A 130 -4.98 3.09 2.25
C LEU A 130 -6.51 3.20 2.20
N ALA A 131 -7.07 3.27 1.00
CA ALA A 131 -8.53 3.31 0.86
C ALA A 131 -9.16 2.02 1.36
N LYS A 132 -8.58 0.88 0.99
CA LYS A 132 -9.06 -0.40 1.51
C LYS A 132 -9.01 -0.42 3.04
N PHE A 133 -7.88 0.03 3.60
CA PHE A 133 -7.75 0.09 5.05
C PHE A 133 -8.81 1.01 5.66
N ASN A 134 -9.08 2.14 5.02
CA ASN A 134 -10.09 3.06 5.54
C ASN A 134 -11.48 2.44 5.50
N ASP A 135 -11.84 1.80 4.39
CA ASP A 135 -13.15 1.18 4.29
C ASP A 135 -13.29 0.04 5.30
N PHE A 136 -12.22 -0.74 5.50
CA PHE A 136 -12.28 -1.83 6.46
C PHE A 136 -12.47 -1.29 7.88
N SER A 137 -11.71 -0.26 8.26
CA SER A 137 -11.83 0.30 9.59
C SER A 137 -13.24 0.79 9.89
N ILE A 138 -14.03 1.09 8.86
CA ILE A 138 -15.37 1.62 9.05
C ILE A 138 -16.41 0.52 9.04
N ASN A 139 -16.34 -0.39 8.05
CA ASN A 139 -17.34 -1.43 7.86
C ASN A 139 -16.75 -2.83 7.95
N GLY A 140 -15.57 -2.97 8.53
CA GLY A 140 -14.96 -4.29 8.64
C GLY A 140 -14.82 -4.94 7.28
N LYS A 141 -15.05 -6.27 7.25
CA LYS A 141 -14.86 -7.00 6.00
C LYS A 141 -15.98 -6.72 5.01
N LEU A 142 -17.17 -6.34 5.48
CA LEU A 142 -18.24 -5.98 4.56
C LEU A 142 -17.78 -4.88 3.61
N GLY A 143 -17.15 -3.83 4.15
CA GLY A 143 -16.61 -2.79 3.29
C GLY A 143 -15.54 -3.32 2.36
N SER A 144 -14.70 -4.24 2.86
CA SER A 144 -13.68 -4.84 2.02
C SER A 144 -14.29 -5.63 0.88
N ILE A 145 -15.37 -6.37 1.16
CA ILE A 145 -15.97 -7.21 0.14
C ILE A 145 -16.81 -6.38 -0.82
N CYS A 146 -17.51 -5.38 -0.32
CA CYS A 146 -18.21 -4.45 -1.20
C CYS A 146 -17.21 -3.72 -2.10
N GLY A 147 -16.06 -3.32 -1.54
CA GLY A 147 -15.06 -2.64 -2.34
C GLY A 147 -14.54 -3.52 -3.47
N GLN A 148 -14.23 -4.78 -3.17
CA GLN A 148 -13.75 -5.68 -4.21
C GLN A 148 -14.79 -5.89 -5.28
N LEU A 149 -16.05 -6.10 -4.88
CA LEU A 149 -17.12 -6.23 -5.87
C LEU A 149 -17.34 -4.92 -6.62
N LEU A 150 -17.07 -3.78 -5.97
CA LEU A 150 -17.25 -2.49 -6.63
C LEU A 150 -16.29 -2.34 -7.80
N ILE A 151 -15.00 -2.67 -7.59
CA ILE A 151 -14.02 -2.52 -8.66
C ILE A 151 -14.26 -3.56 -9.75
N LEU A 152 -14.66 -4.77 -9.37
CA LEU A 152 -15.06 -5.75 -10.38
C LEU A 152 -16.21 -5.22 -11.22
N THR A 153 -17.15 -4.51 -10.58
CA THR A 153 -18.26 -3.94 -11.33
C THR A 153 -17.78 -2.85 -12.27
N TYR A 154 -16.89 -1.97 -11.80
CA TYR A 154 -16.39 -0.90 -12.66
C TYR A 154 -15.52 -1.45 -13.78
N VAL A 155 -14.82 -2.56 -13.55
CA VAL A 155 -13.86 -3.07 -14.52
C VAL A 155 -14.56 -3.94 -15.56
N TYR A 156 -15.36 -4.91 -15.11
CA TYR A 156 -16.00 -5.88 -16.00
C TYR A 156 -17.49 -5.65 -16.16
N GLY A 157 -18.02 -4.55 -15.62
CA GLY A 157 -19.46 -4.33 -15.62
C GLY A 157 -19.93 -3.59 -16.86
N LYS A 158 -21.11 -3.97 -17.35
CA LYS A 158 -21.76 -3.31 -18.46
C LYS A 158 -23.27 -3.34 -18.21
N GLU A 159 -23.91 -2.19 -18.29
CA GLU A 159 -25.32 -2.09 -17.93
C GLU A 159 -26.19 -2.89 -18.90
N THR A 160 -27.17 -3.59 -18.36
CA THR A 160 -28.15 -4.35 -19.13
C THR A 160 -29.51 -4.24 -18.45
N PRO A 161 -30.57 -4.79 -19.04
CA PRO A 161 -31.89 -4.72 -18.36
C PRO A 161 -31.90 -5.36 -16.99
N ASP A 162 -31.15 -6.43 -16.79
CA ASP A 162 -31.12 -7.14 -15.52
C ASP A 162 -30.14 -6.54 -14.53
N GLY A 163 -29.61 -5.36 -14.81
CA GLY A 163 -28.60 -4.73 -13.99
C GLY A 163 -27.24 -4.70 -14.67
N ILE A 164 -26.22 -4.43 -13.86
CA ILE A 164 -24.85 -4.34 -14.38
C ILE A 164 -24.28 -5.76 -14.45
N LYS A 165 -24.17 -6.28 -15.66
CA LYS A 165 -23.69 -7.64 -15.88
C LYS A 165 -22.17 -7.69 -15.72
N ILE A 166 -21.70 -8.61 -14.88
CA ILE A 166 -20.26 -8.81 -14.68
C ILE A 166 -19.79 -9.73 -15.80
N THR A 167 -19.13 -9.15 -16.81
CA THR A 167 -18.68 -9.89 -17.98
C THR A 167 -17.32 -10.53 -17.72
N LEU A 168 -17.32 -11.46 -16.76
CA LEU A 168 -16.11 -12.17 -16.37
C LEU A 168 -16.47 -13.63 -16.15
N ASP A 169 -15.80 -14.53 -16.88
CA ASP A 169 -16.07 -15.95 -16.75
C ASP A 169 -16.05 -16.37 -15.29
N ASN A 170 -17.06 -17.15 -14.89
CA ASN A 170 -17.19 -17.53 -13.49
C ASN A 170 -16.02 -18.37 -13.01
N LEU A 171 -15.30 -19.04 -13.90
CA LEU A 171 -14.13 -19.81 -13.49
C LEU A 171 -13.06 -18.91 -12.90
N THR A 172 -13.08 -17.61 -13.19
CA THR A 172 -12.19 -16.66 -12.55
C THR A 172 -12.86 -15.96 -11.37
N MET A 173 -14.17 -15.68 -11.47
CA MET A 173 -14.87 -15.03 -10.38
C MET A 173 -14.94 -15.94 -9.15
N GLN A 174 -15.16 -17.25 -9.37
CA GLN A 174 -15.11 -18.18 -8.25
C GLN A 174 -13.73 -18.21 -7.61
N GLU A 175 -12.67 -18.03 -8.42
CA GLU A 175 -11.33 -17.89 -7.86
C GLU A 175 -11.24 -16.65 -6.98
N LEU A 176 -11.97 -15.59 -7.33
CA LEU A 176 -11.97 -14.36 -6.57
C LEU A 176 -12.93 -14.45 -5.39
N SER A 185 -12.55 -17.31 3.92
CA SER A 185 -13.24 -18.33 3.15
C SER A 185 -14.71 -18.39 3.51
N SER A 186 -15.01 -18.88 4.73
CA SER A 186 -16.39 -18.96 5.17
C SER A 186 -16.92 -17.58 5.53
N ALA A 187 -16.10 -16.76 6.19
CA ALA A 187 -16.53 -15.40 6.50
C ALA A 187 -16.80 -14.60 5.23
N VAL A 188 -16.08 -14.89 4.16
CA VAL A 188 -16.28 -14.18 2.89
C VAL A 188 -17.48 -14.76 2.15
N SER A 189 -17.62 -16.09 2.15
CA SER A 189 -18.72 -16.72 1.41
C SER A 189 -20.08 -16.30 1.96
N ARG A 190 -20.15 -16.04 3.29
CA ARG A 190 -21.40 -15.62 3.94
C ARG A 190 -21.78 -14.19 3.57
N ILE A 191 -20.83 -13.35 3.57
CA ILE A 191 -21.05 -11.96 3.18
C ILE A 191 -21.55 -11.91 1.74
N ILE A 192 -20.88 -12.64 0.85
CA ILE A 192 -21.19 -12.58 -0.57
C ILE A 192 -22.63 -13.02 -0.83
N SER A 193 -23.05 -14.11 -0.20
CA SER A 193 -24.40 -14.62 -0.44
C SER A 193 -25.45 -13.88 0.37
N LYS A 194 -25.07 -13.18 1.44
CA LYS A 194 -26.01 -12.25 2.06
C LYS A 194 -26.30 -11.09 1.11
N LEU A 195 -25.29 -10.63 0.37
CA LEU A 195 -25.53 -9.65 -0.68
C LEU A 195 -26.47 -10.23 -1.74
N LYS A 196 -26.31 -11.52 -2.05
CA LYS A 196 -27.22 -12.17 -2.99
C LYS A 196 -28.63 -12.25 -2.40
N GLN A 197 -28.74 -12.67 -1.13
CA GLN A 197 -30.05 -12.72 -0.49
C GLN A 197 -30.70 -11.34 -0.49
N GLU A 198 -29.91 -10.29 -0.28
CA GLU A 198 -30.43 -8.92 -0.31
C GLU A 198 -30.60 -8.39 -1.72
N LYS A 199 -30.31 -9.21 -2.74
CA LYS A 199 -30.49 -8.83 -4.14
C LYS A 199 -29.62 -7.63 -4.53
N VAL A 200 -28.49 -7.44 -3.83
CA VAL A 200 -27.48 -6.50 -4.31
C VAL A 200 -26.87 -7.01 -5.60
N ILE A 201 -26.52 -8.29 -5.64
CA ILE A 201 -26.06 -8.98 -6.83
C ILE A 201 -26.95 -10.20 -7.00
N VAL A 202 -27.23 -10.56 -8.26
CA VAL A 202 -28.19 -11.61 -8.56
C VAL A 202 -27.66 -12.48 -9.69
N TYR A 203 -28.02 -13.77 -9.64
CA TYR A 203 -27.69 -14.73 -10.67
C TYR A 203 -28.89 -14.92 -11.59
N LYS A 204 -28.66 -14.83 -12.89
CA LYS A 204 -29.72 -15.02 -13.87
C LYS A 204 -29.12 -15.58 -15.16
N ASN A 205 -29.52 -16.80 -15.51
CA ASN A 205 -29.10 -17.44 -16.76
C ASN A 205 -27.57 -17.37 -16.93
N SER A 206 -26.89 -18.06 -16.03
CA SER A 206 -25.45 -18.28 -16.07
C SER A 206 -24.64 -17.02 -15.85
N CYS A 207 -25.27 -15.92 -15.45
CA CYS A 207 -24.58 -14.64 -15.33
C CYS A 207 -24.92 -13.99 -14.00
N PHE A 208 -24.03 -13.10 -13.57
CA PHE A 208 -24.19 -12.35 -12.33
C PHE A 208 -24.38 -10.87 -12.67
N TYR A 209 -25.43 -10.26 -12.10
CA TYR A 209 -25.76 -8.87 -12.34
C TYR A 209 -25.75 -8.12 -11.02
N VAL A 210 -25.11 -6.96 -11.00
CA VAL A 210 -25.18 -6.06 -9.86
C VAL A 210 -26.44 -5.20 -10.01
N GLN A 211 -27.36 -5.34 -9.07
CA GLN A 211 -28.64 -4.65 -9.13
C GLN A 211 -28.78 -3.53 -8.11
N ASN A 212 -27.89 -3.44 -7.13
CA ASN A 212 -27.85 -2.33 -6.17
C ASN A 212 -26.41 -1.82 -6.13
N LEU A 213 -26.05 -0.99 -7.11
CA LEU A 213 -24.72 -0.40 -7.14
C LEU A 213 -24.52 0.54 -5.95
N ASP A 214 -25.54 1.32 -5.59
CA ASP A 214 -25.39 2.28 -4.51
C ASP A 214 -25.03 1.60 -3.19
N TYR A 215 -25.52 0.38 -2.97
CA TYR A 215 -25.15 -0.34 -1.77
C TYR A 215 -23.64 -0.52 -1.69
N LEU A 216 -23.03 -1.02 -2.77
CA LEU A 216 -21.58 -1.22 -2.78
C LEU A 216 -20.85 0.09 -2.54
N LYS A 217 -21.32 1.19 -3.16
CA LYS A 217 -20.69 2.48 -2.94
C LYS A 217 -20.81 2.95 -1.51
N ARG A 218 -21.91 2.59 -0.83
N ARG A 218 -21.92 2.60 -0.84
CA ARG A 218 -22.15 3.10 0.51
CA ARG A 218 -22.15 3.09 0.52
C ARG A 218 -21.13 2.54 1.50
C ARG A 218 -21.10 2.55 1.48
N TYR A 219 -20.80 1.25 1.40
CA TYR A 219 -19.90 0.61 2.33
C TYR A 219 -18.47 0.48 1.83
N ALA A 220 -18.20 0.93 0.61
CA ALA A 220 -16.82 1.04 0.11
C ALA A 220 -16.56 2.46 -0.41
N PRO A 221 -16.80 3.48 0.42
CA PRO A 221 -16.71 4.85 -0.09
C PRO A 221 -15.30 5.27 -0.46
N LYS A 222 -14.29 4.89 0.33
CA LYS A 222 -12.94 5.32 0.04
C LYS A 222 -12.33 4.55 -1.13
N LEU A 223 -12.69 3.28 -1.30
CA LEU A 223 -12.31 2.57 -2.52
C LEU A 223 -13.06 3.13 -3.72
N ASP A 224 -14.31 3.57 -3.53
CA ASP A 224 -15.05 4.21 -4.60
C ASP A 224 -14.36 5.52 -5.02
N GLU A 225 -14.01 6.35 -4.04
CA GLU A 225 -13.28 7.58 -4.34
C GLU A 225 -11.93 7.27 -4.97
N TRP A 226 -11.27 6.20 -4.51
CA TRP A 226 -9.99 5.84 -5.09
C TRP A 226 -10.12 5.54 -6.58
N PHE A 227 -11.15 4.80 -6.97
CA PHE A 227 -11.35 4.48 -8.39
C PHE A 227 -11.70 5.74 -9.18
N TYR A 228 -12.53 6.61 -8.61
CA TYR A 228 -12.81 7.88 -9.27
C TYR A 228 -11.53 8.64 -9.54
N LEU A 229 -10.64 8.71 -8.54
CA LEU A 229 -9.40 9.47 -8.68
C LEU A 229 -8.38 8.75 -9.56
N ALA A 230 -8.36 7.42 -9.55
CA ALA A 230 -7.35 6.66 -10.27
C ALA A 230 -7.78 6.34 -11.70
N CYS A 231 -9.06 6.07 -11.92
CA CYS A 231 -9.59 5.71 -13.24
C CYS A 231 -10.90 6.46 -13.45
N PRO A 232 -10.84 7.78 -13.57
CA PRO A 232 -12.09 8.56 -13.62
C PRO A 232 -12.98 8.25 -14.81
N ALA A 233 -12.39 8.02 -15.99
CA ALA A 233 -13.21 7.75 -17.16
C ALA A 233 -14.01 6.47 -17.00
N THR A 234 -13.38 5.41 -16.49
CA THR A 234 -14.11 4.16 -16.25
C THR A 234 -15.09 4.30 -15.10
N TRP A 235 -14.79 5.16 -14.13
CA TRP A 235 -15.73 5.40 -13.03
C TRP A 235 -17.03 6.00 -13.53
N GLY A 236 -16.94 6.95 -14.48
CA GLY A 236 -18.13 7.65 -14.95
C GLY A 236 -19.06 6.81 -15.79
N LYS A 237 -18.56 5.74 -16.42
CA LYS A 237 -19.43 4.89 -17.23
C LYS A 237 -20.64 4.42 -16.43
N LEU A 238 -20.41 3.93 -15.21
CA LEU A 238 -21.48 3.42 -14.37
C LEU A 238 -21.96 4.45 -13.35
N ASN A 239 -21.51 5.69 -13.44
CA ASN A 239 -21.95 6.74 -12.53
C ASN A 239 -22.60 7.88 -13.32
N ASN B 4 20.39 8.34 8.09
CA ASN B 4 20.10 7.64 6.83
C ASN B 4 20.87 8.29 5.68
N ALA B 5 21.67 7.49 4.98
CA ALA B 5 22.52 8.03 3.92
C ALA B 5 21.68 8.56 2.77
N GLN B 6 20.83 7.72 2.19
CA GLN B 6 20.11 8.12 0.98
C GLN B 6 19.14 9.28 1.25
N ALA B 7 18.62 9.37 2.47
CA ALA B 7 17.74 10.49 2.80
C ALA B 7 18.50 11.82 2.77
N GLU B 8 19.76 11.81 3.23
CA GLU B 8 20.54 13.04 3.26
C GLU B 8 20.93 13.48 1.85
N GLU B 9 21.31 12.53 0.99
CA GLU B 9 21.66 12.87 -0.38
C GLU B 9 20.46 13.49 -1.11
N PHE B 10 19.25 13.02 -0.81
CA PHE B 10 18.05 13.64 -1.39
C PHE B 10 17.82 15.03 -0.80
N LYS B 11 18.15 15.22 0.47
CA LYS B 11 17.97 16.54 1.09
C LYS B 11 18.76 17.60 0.36
N LYS B 12 20.01 17.35 0.09
CA LYS B 12 20.81 18.34 -0.62
C LYS B 12 20.24 18.61 -2.00
N TYR B 13 19.91 17.55 -2.71
CA TYR B 13 19.40 17.72 -4.07
C TYR B 13 18.28 18.75 -4.11
N LEU B 14 17.40 18.74 -3.12
CA LEU B 14 16.33 19.73 -3.07
C LEU B 14 16.88 21.10 -2.67
N GLU B 15 17.79 21.13 -1.70
CA GLU B 15 18.37 22.40 -1.26
C GLU B 15 19.22 23.02 -2.35
N THR B 16 20.09 22.21 -2.97
CA THR B 16 20.94 22.73 -4.05
C THR B 16 20.09 23.34 -5.16
N ASN B 17 18.92 22.77 -5.43
CA ASN B 17 18.06 23.27 -6.49
C ASN B 17 17.18 24.43 -6.06
N GLY B 18 17.12 24.74 -4.78
CA GLY B 18 16.45 25.93 -4.31
C GLY B 18 15.17 25.71 -3.54
N ILE B 19 15.08 24.56 -2.88
CA ILE B 19 13.93 24.25 -2.06
C ILE B 19 14.47 24.15 -0.65
N LYS B 20 14.04 25.04 0.23
CA LYS B 20 14.50 25.08 1.61
C LYS B 20 13.47 24.43 2.54
N PRO B 21 13.91 23.92 3.68
CA PRO B 21 12.97 23.27 4.60
C PRO B 21 12.03 24.28 5.25
N LYS B 22 10.83 23.80 5.59
CA LYS B 22 9.82 24.59 6.27
C LYS B 22 9.44 23.87 7.56
N GLN B 23 9.39 24.62 8.64
CA GLN B 23 9.09 24.07 9.94
C GLN B 23 7.63 24.12 10.32
N PHE B 24 7.13 23.00 10.82
CA PHE B 24 5.76 22.90 11.28
C PHE B 24 5.76 22.47 12.74
N HIS B 25 4.63 22.70 13.41
CA HIS B 25 4.43 22.27 14.78
C HIS B 25 3.20 21.37 14.87
N LYS B 26 3.01 20.76 16.04
CA LYS B 26 1.96 19.78 16.21
C LYS B 26 0.60 20.35 15.78
N LYS B 27 -0.19 19.52 15.11
CA LYS B 27 -1.56 19.74 14.67
C LYS B 27 -1.63 20.45 13.33
N GLU B 28 -0.54 21.01 12.82
CA GLU B 28 -0.56 21.63 11.51
C GLU B 28 -0.68 20.58 10.42
N LEU B 29 -1.26 20.99 9.28
CA LEU B 29 -1.44 20.12 8.13
C LEU B 29 -0.46 20.56 7.05
N ILE B 30 0.58 19.76 6.81
CA ILE B 30 1.53 20.07 5.74
C ILE B 30 0.82 20.15 4.41
N PHE B 31 -0.12 19.24 4.16
CA PHE B 31 -1.10 19.38 3.09
C PHE B 31 -2.43 18.86 3.61
N ASN B 32 -3.51 19.28 2.93
CA ASN B 32 -4.86 19.00 3.38
C ASN B 32 -5.70 18.50 2.22
N GLN B 33 -6.82 17.88 2.56
CA GLN B 33 -7.64 17.17 1.60
C GLN B 33 -8.50 18.08 0.73
N TRP B 34 -8.66 19.35 1.11
CA TRP B 34 -9.47 20.28 0.33
C TRP B 34 -8.65 21.18 -0.57
N ASP B 35 -7.35 20.94 -0.68
CA ASP B 35 -6.47 21.79 -1.47
C ASP B 35 -6.32 21.22 -2.87
N PRO B 36 -6.73 21.95 -3.93
CA PRO B 36 -6.59 21.38 -5.28
C PRO B 36 -5.16 21.30 -5.76
N GLN B 37 -4.24 22.04 -5.14
CA GLN B 37 -2.83 21.92 -5.47
C GLN B 37 -2.24 20.71 -4.76
N GLU B 38 -1.59 19.83 -5.51
CA GLU B 38 -0.97 18.64 -4.94
C GLU B 38 0.54 18.83 -4.87
N TYR B 39 1.15 18.15 -3.89
CA TYR B 39 2.54 18.37 -3.55
C TYR B 39 3.27 17.05 -3.39
N CYS B 40 4.60 17.13 -3.43
CA CYS B 40 5.49 16.07 -3.00
C CYS B 40 6.16 16.52 -1.70
N ILE B 41 5.92 15.81 -0.61
CA ILE B 41 6.44 16.16 0.70
C ILE B 41 7.56 15.19 1.04
N PHE B 42 8.77 15.70 1.18
CA PHE B 42 9.86 14.94 1.78
C PHE B 42 9.95 15.39 3.24
N LEU B 43 9.32 14.62 4.12
CA LEU B 43 9.36 14.88 5.57
C LEU B 43 10.74 14.47 6.06
N TYR B 44 11.61 15.45 6.29
CA TYR B 44 12.98 15.15 6.70
C TYR B 44 13.08 14.77 8.18
N ASP B 45 12.27 15.38 9.03
CA ASP B 45 12.37 15.18 10.47
C ASP B 45 11.00 15.41 11.10
N GLY B 46 10.72 14.65 12.15
CA GLY B 46 9.44 14.71 12.82
C GLY B 46 8.56 13.53 12.46
N ILE B 47 7.41 13.48 13.13
CA ILE B 47 6.46 12.40 12.98
C ILE B 47 5.13 12.99 12.52
N THR B 48 4.60 12.44 11.42
CA THR B 48 3.32 12.87 10.86
C THR B 48 2.37 11.69 10.80
N LYS B 49 1.12 11.99 10.46
CA LYS B 49 0.11 10.96 10.25
C LYS B 49 -0.81 11.36 9.12
N LEU B 50 -1.14 10.40 8.27
CA LEU B 50 -2.05 10.60 7.15
C LEU B 50 -3.48 10.37 7.63
N THR B 51 -4.34 11.37 7.43
CA THR B 51 -5.73 11.29 7.90
C THR B 51 -6.69 11.50 6.75
N SER B 52 -7.95 11.14 7.01
CA SER B 52 -9.06 11.37 6.09
C SER B 52 -10.25 11.83 6.92
N ILE B 53 -10.86 12.94 6.50
CA ILE B 53 -11.96 13.56 7.24
C ILE B 53 -13.22 13.47 6.39
N SER B 54 -14.25 12.82 6.92
CA SER B 54 -15.52 12.68 6.22
C SER B 54 -16.40 13.90 6.47
N GLU B 55 -17.50 13.97 5.72
CA GLU B 55 -18.45 15.07 5.88
C GLU B 55 -18.79 15.29 7.34
N ASN B 56 -18.90 14.22 8.12
CA ASN B 56 -19.38 14.31 9.49
C ASN B 56 -18.29 14.71 10.47
N GLY B 57 -17.02 14.62 10.07
CA GLY B 57 -15.92 15.19 10.84
C GLY B 57 -14.99 14.19 11.49
N THR B 58 -15.26 12.89 11.44
CA THR B 58 -14.36 11.94 12.08
C THR B 58 -13.03 11.92 11.36
N ILE B 59 -11.97 11.81 12.14
CA ILE B 59 -10.61 11.78 11.64
C ILE B 59 -10.16 10.33 11.66
N MET B 60 -10.12 9.72 10.48
CA MET B 60 -9.58 8.37 10.34
C MET B 60 -8.07 8.46 10.16
N ASN B 61 -7.34 7.75 11.02
CA ASN B 61 -5.88 7.73 10.96
C ASN B 61 -5.46 6.56 10.07
N LEU B 62 -4.86 6.89 8.93
CA LEU B 62 -4.56 5.91 7.89
C LEU B 62 -3.13 5.40 7.95
N GLN B 63 -2.16 6.26 8.26
CA GLN B 63 -0.77 5.83 8.32
C GLN B 63 0.03 6.85 9.10
N TYR B 64 1.13 6.40 9.69
CA TYR B 64 2.04 7.25 10.45
C TYR B 64 3.40 7.21 9.77
N TYR B 65 3.97 8.40 9.53
CA TYR B 65 5.28 8.54 8.93
C TYR B 65 6.24 9.17 9.92
N LYS B 66 7.51 8.82 9.80
CA LYS B 66 8.60 9.45 10.52
C LYS B 66 9.68 9.80 9.51
N GLY B 67 10.26 10.99 9.65
CA GLY B 67 11.34 11.37 8.76
C GLY B 67 12.56 10.48 8.95
N ALA B 68 13.33 10.29 7.88
CA ALA B 68 13.07 10.85 6.56
C ALA B 68 12.14 9.95 5.76
N PHE B 69 11.17 10.56 5.08
CA PHE B 69 10.25 9.83 4.21
C PHE B 69 9.72 10.79 3.15
N VAL B 70 9.03 10.22 2.17
CA VAL B 70 8.41 10.98 1.09
C VAL B 70 6.94 10.63 1.01
N ILE B 71 6.08 11.64 1.02
CA ILE B 71 4.65 11.49 0.88
C ILE B 71 4.18 12.42 -0.23
N MET B 72 3.41 11.88 -1.17
CA MET B 72 2.91 12.65 -2.29
C MET B 72 1.39 12.62 -2.27
N SER B 73 0.78 13.79 -2.48
CA SER B 73 -0.67 13.92 -2.48
C SER B 73 -1.27 13.88 -3.88
N GLY B 74 -0.44 13.77 -4.92
CA GLY B 74 -0.94 13.74 -6.28
C GLY B 74 -0.11 12.79 -7.13
N PHE B 75 -0.74 12.33 -8.21
CA PHE B 75 -0.07 11.44 -9.14
C PHE B 75 1.02 12.18 -9.90
N ILE B 76 2.19 11.56 -10.02
CA ILE B 76 3.34 12.22 -10.60
C ILE B 76 3.14 12.56 -12.06
N ASP B 77 2.19 11.92 -12.73
CA ASP B 77 1.93 12.18 -14.15
C ASP B 77 0.75 13.11 -14.36
N THR B 78 -0.41 12.79 -13.78
CA THR B 78 -1.59 13.61 -13.97
C THR B 78 -1.65 14.80 -13.03
N GLU B 79 -0.86 14.80 -11.95
CA GLU B 79 -0.81 15.86 -10.96
C GLU B 79 -2.09 16.00 -10.17
N THR B 80 -3.07 15.12 -10.38
CA THR B 80 -4.32 15.16 -9.64
C THR B 80 -4.21 14.33 -8.35
N SER B 81 -5.20 14.47 -7.50
CA SER B 81 -5.15 13.86 -6.17
C SER B 81 -5.11 12.35 -6.27
N VAL B 82 -4.31 11.74 -5.38
CA VAL B 82 -4.34 10.29 -5.20
C VAL B 82 -5.32 9.87 -4.13
N GLY B 83 -6.00 10.82 -3.49
CA GLY B 83 -6.86 10.55 -2.36
C GLY B 83 -7.02 11.80 -1.51
N TYR B 84 -8.20 11.97 -0.92
CA TYR B 84 -8.48 13.16 -0.10
C TYR B 84 -7.90 12.91 1.29
N TYR B 85 -6.63 13.31 1.46
CA TYR B 85 -5.89 13.04 2.68
C TYR B 85 -5.27 14.33 3.21
N ASN B 86 -4.93 14.29 4.50
CA ASN B 86 -4.15 15.33 5.14
C ASN B 86 -2.90 14.71 5.75
N LEU B 87 -1.82 15.48 5.80
CA LEU B 87 -0.60 15.10 6.50
C LEU B 87 -0.48 16.00 7.73
N GLU B 88 -0.87 15.46 8.88
CA GLU B 88 -0.88 16.21 10.13
C GLU B 88 0.38 15.90 10.94
N VAL B 89 0.94 16.93 11.54
CA VAL B 89 2.10 16.78 12.40
C VAL B 89 1.64 16.33 13.79
N ILE B 90 2.22 15.24 14.28
CA ILE B 90 1.88 14.71 15.59
C ILE B 90 2.98 14.94 16.62
N SER B 91 4.24 15.07 16.19
CA SER B 91 5.29 15.47 17.10
C SER B 91 5.17 16.96 17.42
N GLU B 92 5.99 17.43 18.36
CA GLU B 92 5.97 18.84 18.70
C GLU B 92 6.38 19.70 17.51
N GLN B 93 7.40 19.27 16.77
CA GLN B 93 7.87 19.99 15.61
C GLN B 93 8.12 19.01 14.46
N ALA B 94 8.22 19.56 13.26
CA ALA B 94 8.50 18.77 12.07
C ALA B 94 9.14 19.66 11.03
N THR B 95 10.00 19.07 10.21
CA THR B 95 10.68 19.77 9.13
C THR B 95 10.40 19.02 7.83
N ALA B 96 9.78 19.70 6.87
CA ALA B 96 9.38 19.07 5.62
C ALA B 96 9.70 20.00 4.46
N TYR B 97 10.11 19.41 3.34
CA TYR B 97 10.33 20.13 2.09
C TYR B 97 9.08 19.99 1.24
N VAL B 98 8.43 21.11 0.95
CA VAL B 98 7.13 21.13 0.28
C VAL B 98 7.36 21.54 -1.18
N ILE B 99 7.17 20.60 -2.10
CA ILE B 99 7.41 20.82 -3.51
C ILE B 99 6.09 20.66 -4.25
N LYS B 100 5.72 21.69 -5.03
CA LYS B 100 4.60 21.54 -5.95
C LYS B 100 4.88 20.39 -6.90
N ILE B 101 3.87 19.55 -7.12
CA ILE B 101 4.07 18.35 -7.93
C ILE B 101 4.55 18.70 -9.33
N ASN B 102 4.09 19.82 -9.88
CA ASN B 102 4.56 20.25 -11.20
C ASN B 102 6.07 20.46 -11.19
N GLU B 103 6.60 21.03 -10.10
CA GLU B 103 8.03 21.31 -10.03
C GLU B 103 8.84 20.04 -9.83
N LEU B 104 8.26 19.03 -9.17
CA LEU B 104 8.98 17.78 -8.96
C LEU B 104 9.35 17.13 -10.30
N LYS B 105 8.50 17.25 -11.28
CA LYS B 105 8.79 16.57 -12.51
C LYS B 105 10.13 17.05 -13.08
N GLU B 106 10.43 18.32 -12.97
CA GLU B 106 11.72 18.80 -13.47
C GLU B 106 12.92 18.13 -12.72
N LEU B 107 12.84 18.15 -11.41
CA LEU B 107 13.92 17.63 -10.61
C LEU B 107 14.14 16.16 -10.79
N LEU B 108 13.06 15.38 -10.81
CA LEU B 108 13.14 13.93 -10.98
C LEU B 108 13.54 13.57 -12.40
N SER B 109 13.23 14.44 -13.35
CA SER B 109 13.66 14.24 -14.72
C SER B 109 15.17 14.25 -14.81
N LYS B 110 15.83 15.15 -14.10
CA LYS B 110 17.29 15.22 -14.29
C LYS B 110 18.27 14.38 -13.42
N ASN B 111 17.80 13.30 -12.85
CA ASN B 111 18.56 12.43 -11.96
C ASN B 111 17.88 11.07 -11.82
N LEU B 112 18.68 10.00 -11.96
CA LEU B 112 18.19 8.65 -11.75
C LEU B 112 18.31 8.21 -10.30
N THR B 113 19.29 8.74 -9.57
CA THR B 113 19.48 8.35 -8.18
C THR B 113 18.34 8.86 -7.31
N HIS B 114 17.99 10.14 -7.47
CA HIS B 114 16.95 10.73 -6.63
C HIS B 114 15.56 10.27 -7.04
N PHE B 115 15.37 9.94 -8.32
CA PHE B 115 14.11 9.33 -8.75
C PHE B 115 13.92 7.97 -8.07
N PHE B 116 15.00 7.18 -7.98
CA PHE B 116 14.90 5.86 -7.38
C PHE B 116 14.56 5.96 -5.89
N TYR B 117 15.13 6.94 -5.20
CA TYR B 117 14.86 7.08 -3.76
C TYR B 117 13.37 7.20 -3.49
N VAL B 118 12.68 8.04 -4.28
CA VAL B 118 11.24 8.22 -4.08
C VAL B 118 10.49 6.98 -4.56
N PHE B 119 10.88 6.46 -5.72
CA PHE B 119 10.33 5.18 -6.20
C PHE B 119 10.44 4.12 -5.13
N GLN B 120 11.61 4.01 -4.49
CA GLN B 120 11.84 2.95 -3.52
C GLN B 120 10.93 3.11 -2.30
N THR B 121 10.71 4.34 -1.85
CA THR B 121 9.89 4.54 -0.65
C THR B 121 8.43 4.20 -0.92
N LEU B 122 7.94 4.41 -2.13
CA LEU B 122 6.61 3.92 -2.49
C LEU B 122 6.54 2.40 -2.35
N GLN B 123 7.62 1.70 -2.74
CA GLN B 123 7.63 0.25 -2.62
C GLN B 123 7.59 -0.19 -1.16
N LYS B 124 8.40 0.45 -0.31
CA LYS B 124 8.34 0.18 1.12
C LYS B 124 6.91 0.29 1.63
N GLN B 125 6.16 1.27 1.13
CA GLN B 125 4.79 1.48 1.59
C GLN B 125 3.87 0.38 1.11
N VAL B 126 3.98 -0.01 -0.16
CA VAL B 126 3.15 -1.09 -0.69
C VAL B 126 3.37 -2.37 0.12
N SER B 127 4.63 -2.73 0.35
CA SER B 127 4.92 -3.95 1.09
C SER B 127 4.58 -3.81 2.56
N TYR B 128 4.68 -2.60 3.11
CA TYR B 128 4.24 -2.39 4.49
C TYR B 128 2.77 -2.73 4.64
N SER B 129 1.93 -2.24 3.72
CA SER B 129 0.49 -2.46 3.82
C SER B 129 0.13 -3.92 3.63
N LEU B 130 0.81 -4.61 2.72
CA LEU B 130 0.55 -6.04 2.55
C LEU B 130 0.94 -6.82 3.80
N ALA B 131 2.11 -6.50 4.37
CA ALA B 131 2.54 -7.19 5.58
C ALA B 131 1.56 -6.93 6.73
N LYS B 132 1.18 -5.67 6.93
CA LYS B 132 0.18 -5.37 7.95
C LYS B 132 -1.12 -6.10 7.67
N PHE B 133 -1.51 -6.20 6.40
CA PHE B 133 -2.70 -6.96 6.04
C PHE B 133 -2.52 -8.44 6.32
N ASN B 134 -1.32 -8.98 6.05
CA ASN B 134 -1.07 -10.39 6.31
C ASN B 134 -1.13 -10.68 7.81
N ASP B 135 -0.50 -9.84 8.62
CA ASP B 135 -0.50 -10.07 10.07
C ASP B 135 -1.91 -9.99 10.64
N PHE B 136 -2.72 -9.03 10.17
CA PHE B 136 -4.05 -8.86 10.75
C PHE B 136 -4.97 -10.02 10.37
N SER B 137 -4.82 -10.56 9.16
CA SER B 137 -5.66 -11.67 8.74
C SER B 137 -5.26 -12.99 9.38
N ILE B 138 -4.18 -13.01 10.16
CA ILE B 138 -3.75 -14.23 10.85
C ILE B 138 -3.78 -14.09 12.36
N ASN B 139 -3.70 -12.87 12.92
CA ASN B 139 -3.69 -12.71 14.36
C ASN B 139 -4.53 -11.52 14.83
N GLY B 140 -5.49 -11.07 14.02
CA GLY B 140 -6.37 -9.98 14.43
C GLY B 140 -5.60 -8.75 14.86
N LYS B 141 -6.23 -7.93 15.71
CA LYS B 141 -5.59 -6.71 16.18
C LYS B 141 -4.39 -6.99 17.07
N LEU B 142 -4.33 -8.16 17.71
CA LEU B 142 -3.17 -8.53 18.50
C LEU B 142 -1.89 -8.37 17.69
N GLY B 143 -1.84 -9.03 16.52
CA GLY B 143 -0.68 -8.89 15.67
C GLY B 143 -0.47 -7.46 15.19
N SER B 144 -1.55 -6.70 15.03
CA SER B 144 -1.42 -5.32 14.58
C SER B 144 -0.69 -4.47 15.61
N ILE B 145 -1.18 -4.48 16.85
CA ILE B 145 -0.54 -3.67 17.88
C ILE B 145 0.85 -4.22 18.21
N CYS B 146 0.99 -5.55 18.23
CA CYS B 146 2.32 -6.14 18.37
C CYS B 146 3.24 -5.63 17.27
N GLY B 147 2.75 -5.55 16.05
CA GLY B 147 3.56 -5.00 14.97
C GLY B 147 3.92 -3.54 15.21
N GLN B 148 2.92 -2.72 15.55
CA GLN B 148 3.20 -1.32 15.84
C GLN B 148 4.19 -1.19 16.98
N LEU B 149 3.95 -1.92 18.07
CA LEU B 149 4.90 -1.92 19.17
C LEU B 149 6.27 -2.46 18.73
N LEU B 150 6.26 -3.45 17.84
CA LEU B 150 7.51 -4.02 17.36
C LEU B 150 8.39 -2.96 16.70
N ILE B 151 7.86 -2.32 15.65
CA ILE B 151 8.66 -1.32 14.94
C ILE B 151 8.98 -0.14 15.84
N LEU B 152 8.05 0.24 16.71
CA LEU B 152 8.36 1.27 17.70
C LEU B 152 9.53 0.84 18.57
N THR B 153 9.52 -0.42 19.03
CA THR B 153 10.65 -0.92 19.79
C THR B 153 11.92 -0.94 18.95
N TYR B 154 11.80 -1.25 17.65
CA TYR B 154 12.98 -1.29 16.79
C TYR B 154 13.59 0.09 16.62
N VAL B 155 12.76 1.12 16.41
CA VAL B 155 13.28 2.45 16.13
C VAL B 155 13.62 3.19 17.41
N TYR B 156 12.79 3.06 18.44
CA TYR B 156 12.97 3.78 19.70
C TYR B 156 13.40 2.86 20.84
N GLY B 157 13.96 1.70 20.53
CA GLY B 157 14.35 0.77 21.57
C GLY B 157 15.62 1.23 22.27
N LYS B 158 15.60 1.18 23.60
CA LYS B 158 16.80 1.41 24.40
C LYS B 158 16.72 0.52 25.63
N GLU B 159 17.67 -0.40 25.75
CA GLU B 159 17.65 -1.39 26.82
C GLU B 159 17.85 -0.73 28.18
N THR B 160 17.05 -1.18 29.15
CA THR B 160 17.14 -0.74 30.54
C THR B 160 17.04 -1.97 31.43
N PRO B 161 17.37 -1.85 32.72
CA PRO B 161 17.20 -2.98 33.63
C PRO B 161 15.78 -3.51 33.69
N ASP B 162 14.78 -2.69 33.33
CA ASP B 162 13.37 -3.08 33.38
C ASP B 162 12.81 -3.36 32.00
N GLY B 163 13.64 -3.79 31.06
CA GLY B 163 13.20 -4.11 29.72
C GLY B 163 13.56 -3.02 28.72
N ILE B 164 13.18 -3.28 27.47
CA ILE B 164 13.47 -2.34 26.39
C ILE B 164 12.56 -1.13 26.51
N LYS B 165 13.17 0.04 26.71
CA LYS B 165 12.41 1.27 26.88
C LYS B 165 12.05 1.88 25.53
N ILE B 166 10.78 2.26 25.38
CA ILE B 166 10.33 2.93 24.17
C ILE B 166 10.64 4.42 24.34
N THR B 167 11.76 4.85 23.81
CA THR B 167 12.24 6.22 24.00
C THR B 167 11.53 7.22 23.12
N LEU B 168 10.28 7.49 23.50
CA LEU B 168 9.47 8.45 22.79
C LEU B 168 8.64 9.21 23.81
N ASP B 169 8.27 10.43 23.45
CA ASP B 169 7.46 11.29 24.30
C ASP B 169 6.09 10.69 24.58
N ASN B 170 5.59 10.90 25.80
CA ASN B 170 4.28 10.40 26.18
C ASN B 170 3.19 11.05 25.33
N LEU B 171 3.31 12.35 25.05
CA LEU B 171 2.35 13.03 24.21
C LEU B 171 2.40 12.51 22.78
N THR B 172 3.59 12.10 22.31
CA THR B 172 3.72 11.59 20.96
C THR B 172 3.15 10.18 20.83
N MET B 173 3.37 9.35 21.85
CA MET B 173 2.80 8.00 21.85
C MET B 173 1.33 7.99 22.25
N GLN B 174 0.88 9.01 22.99
CA GLN B 174 -0.56 9.17 23.22
C GLN B 174 -1.32 9.26 21.90
N GLU B 175 -0.70 9.86 20.88
CA GLU B 175 -1.32 10.03 19.58
C GLU B 175 -1.21 8.80 18.69
N LEU B 176 -0.58 7.73 19.15
CA LEU B 176 -0.43 6.51 18.36
C LEU B 176 -1.43 5.45 18.80
N ALA B 187 -11.09 -1.72 23.01
CA ALA B 187 -10.51 -2.45 21.89
C ALA B 187 -8.99 -2.43 21.98
N VAL B 188 -8.40 -1.34 21.50
CA VAL B 188 -6.96 -1.18 21.51
C VAL B 188 -6.47 -1.22 22.94
N SER B 189 -7.20 -0.50 23.78
CA SER B 189 -6.87 -0.43 25.20
C SER B 189 -6.96 -1.80 25.80
N ARG B 190 -7.97 -2.56 25.38
CA ARG B 190 -8.17 -3.92 25.91
C ARG B 190 -6.98 -4.78 25.57
N ILE B 191 -6.52 -4.68 24.33
CA ILE B 191 -5.38 -5.48 23.89
C ILE B 191 -4.16 -5.08 24.70
N ILE B 192 -4.00 -3.79 24.93
CA ILE B 192 -2.85 -3.32 25.69
C ILE B 192 -2.89 -3.86 27.12
N SER B 193 -4.06 -3.87 27.74
CA SER B 193 -4.19 -4.38 29.11
C SER B 193 -3.84 -5.86 29.14
N LYS B 194 -4.30 -6.60 28.13
CA LYS B 194 -4.02 -8.02 28.07
C LYS B 194 -2.52 -8.23 27.95
N LEU B 195 -1.89 -7.37 27.17
CA LEU B 195 -0.45 -7.45 26.95
C LEU B 195 0.28 -7.21 28.27
N LYS B 196 -0.23 -6.26 29.04
CA LYS B 196 0.36 -5.96 30.33
C LYS B 196 0.23 -7.17 31.26
N GLN B 197 -0.89 -7.86 31.23
CA GLN B 197 -1.14 -8.99 32.12
C GLN B 197 -0.48 -10.30 31.71
N GLU B 198 0.29 -10.24 30.65
CA GLU B 198 0.94 -11.42 30.06
C GLU B 198 2.47 -11.33 30.13
N LYS B 199 3.02 -10.37 30.85
CA LYS B 199 4.47 -10.29 31.02
C LYS B 199 5.12 -9.91 29.70
N VAL B 200 4.73 -8.76 29.13
CA VAL B 200 5.22 -8.31 27.84
C VAL B 200 5.58 -6.83 27.93
N ILE B 201 4.55 -5.99 28.01
CA ILE B 201 4.69 -4.54 28.11
C ILE B 201 4.36 -4.13 29.53
N VAL B 202 5.15 -3.21 30.07
CA VAL B 202 4.91 -2.65 31.40
C VAL B 202 5.08 -1.14 31.31
N TYR B 203 4.18 -0.40 31.96
CA TYR B 203 4.17 1.05 31.92
C TYR B 203 4.54 1.60 33.28
N LYS B 204 5.55 2.48 33.32
CA LYS B 204 5.74 3.33 34.48
C LYS B 204 6.80 4.37 34.17
N ASN B 205 6.74 5.48 34.92
CA ASN B 205 7.58 6.65 34.72
C ASN B 205 7.46 7.16 33.28
N SER B 206 6.22 7.42 32.88
CA SER B 206 5.84 8.16 31.69
C SER B 206 6.18 7.47 30.38
N CYS B 207 6.70 6.24 30.42
CA CYS B 207 7.05 5.53 29.19
C CYS B 207 6.76 4.04 29.36
N PHE B 208 6.77 3.35 28.23
CA PHE B 208 6.53 1.91 28.19
C PHE B 208 7.85 1.16 28.10
N TYR B 209 7.87 -0.05 28.67
CA TYR B 209 9.04 -0.92 28.64
C TYR B 209 8.62 -2.28 28.10
N VAL B 210 9.31 -2.76 27.08
CA VAL B 210 9.05 -4.07 26.48
C VAL B 210 10.04 -5.07 27.07
N GLN B 211 9.51 -6.09 27.75
CA GLN B 211 10.34 -7.09 28.40
C GLN B 211 10.44 -8.39 27.61
N ASN B 212 9.39 -8.77 26.88
CA ASN B 212 9.35 -10.00 26.08
C ASN B 212 9.15 -9.60 24.63
N LEU B 213 10.26 -9.26 23.95
CA LEU B 213 10.17 -8.82 22.57
C LEU B 213 9.87 -9.98 21.62
N ASP B 214 10.24 -11.20 21.99
CA ASP B 214 9.95 -12.34 21.14
C ASP B 214 8.46 -12.58 20.99
N TYR B 215 7.67 -12.20 22.00
CA TYR B 215 6.22 -12.34 21.91
C TYR B 215 5.66 -11.53 20.76
N LEU B 216 6.12 -10.28 20.61
CA LEU B 216 5.62 -9.44 19.53
C LEU B 216 5.99 -10.01 18.16
N LYS B 217 7.24 -10.51 17.98
CA LYS B 217 7.66 -11.08 16.70
C LYS B 217 6.82 -12.29 16.31
N ARG B 218 6.29 -12.98 17.34
CA ARG B 218 5.56 -14.21 17.04
C ARG B 218 4.19 -13.93 16.45
N TYR B 219 3.58 -12.79 16.80
CA TYR B 219 2.27 -12.43 16.30
C TYR B 219 2.31 -11.29 15.29
N ALA B 220 3.49 -10.74 15.02
CA ALA B 220 3.68 -9.82 13.90
C ALA B 220 4.81 -10.33 12.99
N PRO B 221 4.71 -11.60 12.55
CA PRO B 221 5.87 -12.17 11.81
C PRO B 221 6.10 -11.52 10.46
N LYS B 222 5.04 -11.22 9.71
CA LYS B 222 5.23 -10.71 8.36
C LYS B 222 5.61 -9.24 8.33
N LEU B 223 5.25 -8.48 9.36
CA LEU B 223 5.79 -7.12 9.46
C LEU B 223 7.18 -7.11 10.06
N ASP B 224 7.52 -8.10 10.89
CA ASP B 224 8.92 -8.29 11.26
C ASP B 224 9.75 -8.62 10.04
N GLU B 225 9.24 -9.49 9.16
CA GLU B 225 9.91 -9.77 7.90
C GLU B 225 10.03 -8.50 7.06
N TRP B 226 8.96 -7.71 6.97
CA TRP B 226 9.03 -6.48 6.20
C TRP B 226 10.11 -5.55 6.75
N PHE B 227 10.16 -5.42 8.09
CA PHE B 227 11.20 -4.60 8.70
C PHE B 227 12.59 -5.18 8.43
N TYR B 228 12.72 -6.51 8.57
CA TYR B 228 13.97 -7.15 8.20
C TYR B 228 14.35 -6.85 6.77
N LEU B 229 13.37 -6.86 5.86
CA LEU B 229 13.67 -6.66 4.45
C LEU B 229 13.78 -5.19 4.08
N ALA B 230 13.02 -4.32 4.76
CA ALA B 230 13.02 -2.90 4.39
C ALA B 230 14.00 -2.08 5.21
N CYS B 231 14.22 -2.43 6.47
CA CYS B 231 15.07 -1.65 7.39
C CYS B 231 15.99 -2.60 8.14
N PRO B 232 17.01 -3.14 7.45
CA PRO B 232 17.87 -4.16 8.08
C PRO B 232 18.76 -3.60 9.19
N ALA B 233 19.42 -2.46 8.92
CA ALA B 233 20.33 -1.89 9.90
C ALA B 233 19.63 -1.67 11.23
N THR B 234 18.39 -1.19 11.19
CA THR B 234 17.63 -0.99 12.43
C THR B 234 16.99 -2.29 12.91
N TRP B 235 16.70 -3.22 12.00
CA TRP B 235 16.23 -4.53 12.41
C TRP B 235 17.30 -5.27 13.21
N GLY B 236 18.57 -5.12 12.81
CA GLY B 236 19.66 -5.77 13.49
C GLY B 236 19.97 -5.22 14.87
N LYS B 237 19.31 -4.12 15.26
CA LYS B 237 19.53 -3.58 16.60
C LYS B 237 19.18 -4.61 17.67
N LEU B 238 18.04 -5.29 17.50
CA LEU B 238 17.52 -6.22 18.49
C LEU B 238 17.33 -7.61 17.89
N ASN B 239 18.28 -8.04 17.07
CA ASN B 239 18.23 -9.38 16.48
C ASN B 239 19.63 -9.95 16.37
N THR C 2 10.77 3.44 8.89
CA THR C 2 10.21 4.56 8.10
C THR C 2 8.71 4.71 8.37
N LEU C 3 7.85 3.66 8.33
CA LEU C 3 6.42 3.88 8.60
C LEU C 3 6.13 3.41 10.03
N LEU C 4 5.00 3.83 10.58
CA LEU C 4 4.61 3.48 11.95
C LEU C 4 3.14 3.08 12.02
N THR D 2 -5.92 -2.47 -13.52
CA THR D 2 -5.62 -2.00 -12.14
C THR D 2 -5.59 -3.14 -11.13
N LEU D 3 -6.28 -2.95 -10.01
CA LEU D 3 -6.13 -3.87 -8.90
C LEU D 3 -7.51 -4.38 -8.48
N LEU D 4 -7.60 -5.68 -8.22
CA LEU D 4 -8.84 -6.27 -7.72
C LEU D 4 -8.66 -6.72 -6.27
#